data_3C0W
#
_entry.id   3C0W
#
_cell.length_a   80.610
_cell.length_b   80.610
_cell.length_c   127.090
_cell.angle_alpha   90.00
_cell.angle_beta   90.00
_cell.angle_gamma   90.00
#
_symmetry.space_group_name_H-M   'P 41 21 2'
#
loop_
_entity.id
_entity.type
_entity.pdbx_description
1 polymer "DNA (5'-D(*DAP*DCP*DGP*DCP*DTP*DAP*DGP*DGP*DGP*DAP*DTP*DAP*DAP*DCP*DAP*DGP*DGP*DGP*DTP*DAP*DAP*DTP*DAP*DC)-3')"
2 polymer "DNA (5'-D(*DGP*DTP*DAP*DTP*DTP*DAP*DCP*DCP*DCP*DTP*DGP*DTP*DTP*DAP*DT)-3')"
3 polymer "DNA (5'-D(P*DCP*DCP*DCP*DTP*DAP*DGP*DCP*DGP*DT)-3')"
4 polymer 'Intron-encoded endonuclease I-SceI'
5 non-polymer 'CALCIUM ION'
6 non-polymer 'SODIUM ION'
7 water water
#
loop_
_entity_poly.entity_id
_entity_poly.type
_entity_poly.pdbx_seq_one_letter_code
_entity_poly.pdbx_strand_id
1 'polydeoxyribonucleotide'
;(DA)(DC)(DG)(DC)(DT)(DA)(DG)(DG)(DG)(DA)(DT)(DA)(DA)(DC)(DA)(DG)(DG)(DG)(DT)(DA)
(DA)(DT)(DA)(DC)
;
B
2 'polydeoxyribonucleotide' (DG)(DT)(DA)(DT)(DT)(DA)(DC)(DC)(DC)(DT)(DG)(DT)(DT)(DA)(DT) C
3 'polydeoxyribonucleotide' (DC)(DC)(DC)(DT)(DA)(DG)(DC)(DG)(DT) D
4 'polypeptide(L)'
;MKNIKKNQVMNLGPNSKLLKEYKSQLIELNIEQFEAGIGLILGDAYIRSRDEGKTYCMQFEWKNKAYMDHVCLLYDQWVL
SPPHKKERVNHLGNLVITWGAQTFKHQAFNKLANLFIVNNKKTIPNNLVENYLTPMSLAYWFMDDGGKWDYNKNSTNKSI
VLNTQSFTFEEVEYLVKGLRNKFQLNCYVKINKNKPIIYIDSMSYLIFYNLIKPYLIPQMMYKLPNTISSETFLK
;
A
#
loop_
_chem_comp.id
_chem_comp.type
_chem_comp.name
_chem_comp.formula
CA non-polymer 'CALCIUM ION' 'Ca 2'
DA DNA linking 2'-DEOXYADENOSINE-5'-MONOPHOSPHATE 'C10 H14 N5 O6 P'
DC DNA linking 2'-DEOXYCYTIDINE-5'-MONOPHOSPHATE 'C9 H14 N3 O7 P'
DG DNA linking 2'-DEOXYGUANOSINE-5'-MONOPHOSPHATE 'C10 H14 N5 O7 P'
DT DNA linking THYMIDINE-5'-MONOPHOSPHATE 'C10 H15 N2 O8 P'
NA non-polymer 'SODIUM ION' 'Na 1'
#
# COMPACT_ATOMS: atom_id res chain seq x y z
N ASN D 3 -18.48 -14.28 -22.13
CA ASN D 3 -17.35 -13.56 -21.49
C ASN D 3 -16.39 -14.50 -20.76
N ILE D 4 -15.10 -14.36 -21.06
CA ILE D 4 -14.07 -15.20 -20.45
C ILE D 4 -14.09 -15.11 -18.93
N LYS D 5 -13.83 -16.26 -18.30
CA LYS D 5 -13.80 -16.36 -16.85
C LYS D 5 -12.33 -16.45 -16.41
N LYS D 6 -11.99 -15.80 -15.31
CA LYS D 6 -10.61 -15.80 -14.76
C LYS D 6 -10.06 -17.22 -14.82
N ASN D 7 -10.93 -18.16 -14.46
CA ASN D 7 -10.64 -19.58 -14.45
C ASN D 7 -10.00 -20.07 -15.75
N GLN D 8 -10.49 -19.53 -16.87
CA GLN D 8 -10.01 -19.94 -18.19
C GLN D 8 -8.66 -19.44 -18.67
N VAL D 9 -8.16 -18.34 -18.10
CA VAL D 9 -6.89 -17.80 -18.57
C VAL D 9 -5.80 -17.74 -17.52
N MET D 10 -6.14 -18.04 -16.27
CA MET D 10 -5.16 -17.97 -15.20
C MET D 10 -4.00 -18.97 -15.34
N ASN D 11 -3.92 -19.65 -16.48
CA ASN D 11 -2.86 -20.62 -16.69
C ASN D 11 -2.30 -20.55 -18.11
N LEU D 12 -2.74 -19.55 -18.87
CA LEU D 12 -2.28 -19.41 -20.25
C LEU D 12 -0.99 -18.59 -20.34
N GLY D 13 -0.40 -18.56 -21.53
CA GLY D 13 0.81 -17.80 -21.73
C GLY D 13 0.51 -16.33 -21.65
N PRO D 14 1.44 -15.50 -21.13
CA PRO D 14 1.25 -14.05 -21.00
C PRO D 14 0.75 -13.35 -22.26
N ASN D 15 1.16 -13.84 -23.42
CA ASN D 15 0.76 -13.21 -24.67
C ASN D 15 -0.45 -13.90 -25.31
N SER D 16 -1.15 -14.73 -24.54
CA SER D 16 -2.31 -15.46 -25.05
C SER D 16 -3.52 -14.58 -25.39
N LYS D 17 -4.12 -14.86 -26.53
CA LYS D 17 -5.30 -14.15 -27.02
C LYS D 17 -6.46 -14.18 -26.02
N LEU D 18 -6.74 -15.39 -25.52
CA LEU D 18 -7.81 -15.57 -24.56
C LEU D 18 -7.58 -14.69 -23.33
N LEU D 19 -6.33 -14.56 -22.93
CA LEU D 19 -5.98 -13.75 -21.78
C LEU D 19 -6.29 -12.27 -22.06
N LYS D 20 -5.80 -11.78 -23.20
CA LYS D 20 -6.02 -10.39 -23.57
C LYS D 20 -7.52 -10.06 -23.69
N GLU D 21 -8.32 -11.05 -24.06
CA GLU D 21 -9.76 -10.87 -24.17
C GLU D 21 -10.30 -10.59 -22.77
N TYR D 22 -9.96 -11.47 -21.82
CA TYR D 22 -10.38 -11.31 -20.43
C TYR D 22 -9.95 -9.92 -19.97
N LYS D 23 -8.76 -9.52 -20.42
CA LYS D 23 -8.20 -8.22 -20.08
C LYS D 23 -9.13 -7.09 -20.56
N SER D 24 -9.56 -7.18 -21.81
CA SER D 24 -10.43 -6.16 -22.39
C SER D 24 -11.83 -6.13 -21.77
N GLN D 25 -12.15 -7.13 -20.97
CA GLN D 25 -13.45 -7.19 -20.32
C GLN D 25 -13.41 -6.38 -19.04
N LEU D 26 -12.20 -5.97 -18.66
CA LEU D 26 -11.98 -5.18 -17.46
C LEU D 26 -11.66 -3.75 -17.87
N ILE D 27 -12.26 -2.79 -17.18
CA ILE D 27 -12.07 -1.39 -17.51
C ILE D 27 -11.43 -0.56 -16.42
N GLU D 28 -12.04 -0.56 -15.25
CA GLU D 28 -11.49 0.21 -14.16
C GLU D 28 -11.52 -0.53 -12.83
N LEU D 29 -10.72 -0.06 -11.90
CA LEU D 29 -10.64 -0.64 -10.56
C LEU D 29 -11.92 -0.30 -9.82
N ASN D 30 -12.35 -1.16 -8.92
CA ASN D 30 -13.56 -0.87 -8.14
C ASN D 30 -13.11 0.05 -7.00
N ILE D 31 -14.06 0.73 -6.36
CA ILE D 31 -13.78 1.67 -5.28
C ILE D 31 -12.80 1.21 -4.18
N GLU D 32 -12.97 -0.01 -3.68
CA GLU D 32 -12.09 -0.49 -2.62
C GLU D 32 -10.68 -0.63 -3.18
N GLN D 33 -10.59 -1.21 -4.37
CA GLN D 33 -9.30 -1.42 -4.99
C GLN D 33 -8.55 -0.10 -5.19
N PHE D 34 -9.28 0.95 -5.50
CA PHE D 34 -8.66 2.26 -5.70
C PHE D 34 -8.24 2.90 -4.37
N GLU D 35 -9.17 3.01 -3.43
CA GLU D 35 -8.88 3.65 -2.14
C GLU D 35 -7.79 2.92 -1.36
N ALA D 36 -7.87 1.60 -1.36
CA ALA D 36 -6.87 0.79 -0.67
C ALA D 36 -5.55 0.91 -1.44
N GLY D 37 -5.67 1.16 -2.74
CA GLY D 37 -4.51 1.30 -3.59
C GLY D 37 -3.62 2.46 -3.19
N ILE D 38 -4.24 3.52 -2.70
CA ILE D 38 -3.49 4.70 -2.28
C ILE D 38 -2.61 4.34 -1.09
N GLY D 39 -3.19 3.68 -0.09
CA GLY D 39 -2.44 3.29 1.08
C GLY D 39 -1.32 2.29 0.78
N LEU D 40 -1.57 1.40 -0.15
CA LEU D 40 -0.58 0.39 -0.51
C LEU D 40 0.60 1.02 -1.24
N ILE D 41 0.31 1.95 -2.15
CA ILE D 41 1.40 2.60 -2.88
C ILE D 41 2.17 3.48 -1.89
N LEU D 42 1.47 4.05 -0.92
CA LEU D 42 2.16 4.86 0.08
C LEU D 42 2.88 3.89 1.03
N GLY D 43 2.42 2.64 1.01
CA GLY D 43 2.97 1.62 1.90
C GLY D 43 4.06 0.68 1.39
N ASP D 44 3.71 -0.60 1.23
CA ASP D 44 4.67 -1.62 0.81
C ASP D 44 4.53 -2.05 -0.64
N ALA D 45 3.46 -1.65 -1.32
CA ALA D 45 3.27 -2.06 -2.70
C ALA D 45 4.21 -1.30 -3.63
N TYR D 46 4.33 -1.79 -4.87
CA TYR D 46 5.18 -1.19 -5.88
C TYR D 46 4.39 -1.16 -7.18
N ILE D 47 4.09 0.02 -7.70
CA ILE D 47 3.32 0.15 -8.93
C ILE D 47 4.28 0.54 -10.06
N ARG D 48 4.33 -0.27 -11.11
CA ARG D 48 5.27 -0.03 -12.19
C ARG D 48 4.68 -0.06 -13.58
N SER D 49 5.43 0.52 -14.51
CA SER D 49 5.08 0.57 -15.91
C SER D 49 6.31 0.16 -16.69
N ARG D 50 6.14 -0.72 -17.65
CA ARG D 50 7.25 -1.16 -18.49
C ARG D 50 7.05 -0.60 -19.89
N ASP D 51 5.98 0.18 -20.04
CA ASP D 51 5.58 0.69 -21.37
C ASP D 51 5.22 2.14 -21.26
N GLU D 52 6.22 2.95 -20.90
CA GLU D 52 6.03 4.39 -20.75
C GLU D 52 4.65 4.95 -20.36
N GLY D 53 4.00 4.45 -19.32
CA GLY D 53 2.71 5.02 -18.95
C GLY D 53 1.50 4.50 -19.73
N LYS D 54 1.69 3.54 -20.62
CA LYS D 54 0.56 2.98 -21.34
C LYS D 54 -0.21 2.10 -20.36
N THR D 55 0.54 1.39 -19.53
CA THR D 55 -0.08 0.54 -18.51
C THR D 55 0.78 0.35 -17.27
N TYR D 56 0.12 -0.04 -16.19
CA TYR D 56 0.79 -0.29 -14.93
C TYR D 56 0.26 -1.57 -14.30
N CYS D 57 1.11 -2.20 -13.49
CA CYS D 57 0.71 -3.40 -12.75
C CYS D 57 1.22 -3.08 -11.35
N MET D 58 0.74 -3.79 -10.34
CA MET D 58 1.23 -3.55 -9.00
C MET D 58 1.93 -4.81 -8.55
N GLN D 59 3.10 -4.68 -7.94
CA GLN D 59 3.84 -5.83 -7.45
C GLN D 59 3.76 -5.84 -5.92
N PHE D 60 3.58 -7.04 -5.36
CA PHE D 60 3.46 -7.22 -3.91
C PHE D 60 4.48 -8.18 -3.33
N GLU D 61 4.94 -7.92 -2.11
CA GLU D 61 5.89 -8.79 -1.42
C GLU D 61 5.77 -8.51 0.07
N TRP D 62 5.34 -9.52 0.82
CA TRP D 62 5.18 -9.40 2.27
C TRP D 62 5.64 -10.65 3.01
N LYS D 63 6.03 -10.48 4.27
CA LYS D 63 6.45 -11.60 5.11
C LYS D 63 5.16 -12.35 5.48
N ASN D 64 4.20 -11.60 6.01
CA ASN D 64 2.91 -12.14 6.44
C ASN D 64 2.04 -12.68 5.30
N LYS D 65 1.85 -14.00 5.27
CA LYS D 65 1.03 -14.64 4.24
C LYS D 65 -0.44 -14.23 4.32
N ALA D 66 -0.97 -14.13 5.52
CA ALA D 66 -2.37 -13.75 5.72
C ALA D 66 -2.69 -12.43 5.01
N TYR D 67 -1.86 -11.42 5.27
CA TYR D 67 -2.01 -10.10 4.67
C TYR D 67 -1.93 -10.19 3.14
N MET D 68 -0.94 -10.95 2.65
CA MET D 68 -0.75 -11.13 1.23
C MET D 68 -2.03 -11.69 0.61
N ASP D 69 -2.55 -12.76 1.21
CA ASP D 69 -3.77 -13.37 0.72
C ASP D 69 -4.94 -12.39 0.79
N HIS D 70 -4.96 -11.55 1.83
CA HIS D 70 -6.05 -10.56 1.95
C HIS D 70 -6.03 -9.63 0.74
N VAL D 71 -4.84 -9.14 0.40
CA VAL D 71 -4.66 -8.21 -0.73
C VAL D 71 -4.93 -8.86 -2.10
N CYS D 72 -4.42 -10.07 -2.31
CA CYS D 72 -4.67 -10.75 -3.59
C CYS D 72 -6.17 -10.90 -3.79
N LEU D 73 -6.89 -11.23 -2.72
CA LEU D 73 -8.33 -11.39 -2.78
C LEU D 73 -8.99 -10.05 -3.09
N LEU D 74 -8.45 -8.97 -2.53
CA LEU D 74 -8.99 -7.64 -2.79
C LEU D 74 -8.84 -7.31 -4.27
N TYR D 75 -7.72 -7.73 -4.86
CA TYR D 75 -7.43 -7.47 -6.28
C TYR D 75 -7.69 -8.72 -7.14
N ASP D 76 -8.48 -9.62 -6.58
CA ASP D 76 -8.84 -10.90 -7.20
C ASP D 76 -8.83 -11.00 -8.73
N GLN D 77 -9.67 -10.21 -9.38
CA GLN D 77 -9.78 -10.27 -10.83
C GLN D 77 -8.56 -9.77 -11.57
N TRP D 78 -7.62 -9.16 -10.85
CA TRP D 78 -6.41 -8.62 -11.47
C TRP D 78 -5.19 -9.50 -11.20
N VAL D 79 -5.37 -10.47 -10.31
CA VAL D 79 -4.28 -11.38 -9.94
C VAL D 79 -4.56 -12.82 -10.39
N LEU D 80 -3.85 -13.24 -11.44
CA LEU D 80 -4.00 -14.57 -12.04
C LEU D 80 -3.53 -15.77 -11.19
N SER D 81 -2.37 -15.63 -10.57
CA SER D 81 -1.80 -16.73 -9.76
C SER D 81 -1.78 -16.53 -8.26
N PRO D 82 -1.70 -17.64 -7.51
CA PRO D 82 -1.65 -17.59 -6.05
C PRO D 82 -0.29 -16.95 -5.72
N PRO D 83 -0.05 -16.63 -4.45
CA PRO D 83 1.24 -16.02 -4.07
C PRO D 83 2.39 -17.01 -4.17
N HIS D 84 3.54 -16.54 -4.61
CA HIS D 84 4.71 -17.40 -4.73
C HIS D 84 5.60 -17.21 -3.51
N LYS D 85 6.06 -18.32 -2.94
CA LYS D 85 6.94 -18.29 -1.77
C LYS D 85 8.35 -17.90 -2.23
N LYS D 86 8.97 -16.95 -1.55
CA LYS D 86 10.32 -16.51 -1.89
C LYS D 86 11.23 -16.78 -0.68
N GLU D 87 12.27 -17.58 -0.88
CA GLU D 87 13.20 -17.92 0.18
C GLU D 87 14.60 -17.57 -0.28
N ARG D 88 15.28 -16.75 0.51
CA ARG D 88 16.62 -16.32 0.15
C ARG D 88 17.58 -16.33 1.31
N VAL D 89 18.87 -16.20 0.99
CA VAL D 89 19.91 -16.22 2.00
C VAL D 89 20.60 -14.87 2.10
N ASN D 90 20.63 -14.28 3.29
CA ASN D 90 21.30 -12.98 3.41
C ASN D 90 22.76 -13.09 3.22
N HIS D 91 23.44 -11.96 3.39
CA HIS D 91 24.87 -11.99 3.27
C HIS D 91 25.37 -12.63 4.57
N LEU D 92 24.47 -12.78 5.53
CA LEU D 92 24.78 -13.40 6.82
C LEU D 92 24.40 -14.88 6.79
N GLY D 93 24.25 -15.45 5.59
CA GLY D 93 23.86 -16.84 5.47
C GLY D 93 22.56 -17.18 6.19
N ASN D 94 21.65 -16.21 6.30
CA ASN D 94 20.38 -16.43 6.97
C ASN D 94 19.22 -16.60 5.99
N LEU D 95 18.36 -17.55 6.32
CA LEU D 95 17.20 -17.87 5.52
C LEU D 95 16.04 -16.93 5.82
N VAL D 96 15.68 -16.12 4.83
CA VAL D 96 14.56 -15.21 4.97
C VAL D 96 13.43 -15.61 4.04
N ILE D 97 12.24 -15.74 4.61
CA ILE D 97 11.08 -16.13 3.82
C ILE D 97 10.12 -14.97 3.62
N THR D 98 9.63 -14.87 2.39
CA THR D 98 8.69 -13.84 2.00
C THR D 98 7.75 -14.41 0.93
N TRP D 99 6.67 -13.70 0.66
CA TRP D 99 5.73 -14.12 -0.37
C TRP D 99 5.63 -13.04 -1.44
N GLY D 100 5.60 -13.47 -2.70
CA GLY D 100 5.52 -12.53 -3.80
C GLY D 100 4.30 -12.76 -4.67
N ALA D 101 3.80 -11.68 -5.26
CA ALA D 101 2.62 -11.74 -6.12
C ALA D 101 2.52 -10.43 -6.91
N GLN D 102 1.63 -10.41 -7.89
CA GLN D 102 1.45 -9.20 -8.70
C GLN D 102 0.22 -9.29 -9.58
N THR D 103 -0.29 -8.13 -9.97
CA THR D 103 -1.44 -8.07 -10.86
C THR D 103 -0.80 -8.06 -12.25
N PHE D 104 -1.60 -8.26 -13.29
CA PHE D 104 -1.08 -8.16 -14.65
C PHE D 104 -1.14 -6.66 -14.96
N LYS D 105 -0.45 -6.20 -15.99
CA LYS D 105 -0.49 -4.76 -16.30
C LYS D 105 -1.82 -4.44 -16.99
N HIS D 106 -2.31 -3.22 -16.77
CA HIS D 106 -3.57 -2.81 -17.38
C HIS D 106 -3.72 -1.29 -17.19
N GLN D 107 -4.43 -0.61 -18.10
CA GLN D 107 -4.61 0.83 -17.99
C GLN D 107 -5.46 1.18 -16.77
N ALA D 108 -6.24 0.22 -16.28
CA ALA D 108 -7.08 0.47 -15.12
C ALA D 108 -6.21 0.99 -13.98
N PHE D 109 -4.95 0.57 -13.97
CA PHE D 109 -4.02 0.98 -12.95
C PHE D 109 -3.44 2.40 -13.13
N ASN D 110 -3.57 2.96 -14.34
CA ASN D 110 -3.05 4.30 -14.61
C ASN D 110 -3.72 5.32 -13.68
N LYS D 111 -4.99 5.10 -13.37
CA LYS D 111 -5.73 5.99 -12.48
C LYS D 111 -5.05 6.11 -11.11
N LEU D 112 -4.52 5.00 -10.61
CA LEU D 112 -3.82 5.00 -9.34
C LEU D 112 -2.43 5.60 -9.51
N ALA D 113 -1.73 5.12 -10.52
CA ALA D 113 -0.38 5.58 -10.80
C ALA D 113 -0.27 7.10 -10.91
N ASN D 114 -1.18 7.68 -11.69
CA ASN D 114 -1.18 9.11 -11.92
C ASN D 114 -1.26 9.94 -10.64
N LEU D 115 -2.00 9.45 -9.64
CA LEU D 115 -2.11 10.21 -8.39
C LEU D 115 -0.72 10.47 -7.81
N PHE D 116 0.32 9.88 -8.40
CA PHE D 116 1.70 10.06 -7.90
C PHE D 116 2.71 10.53 -8.95
N ILE D 117 2.23 11.14 -10.02
CA ILE D 117 3.11 11.69 -11.04
C ILE D 117 2.68 13.18 -11.26
N VAL D 118 3.63 14.17 -11.12
CA VAL D 118 3.42 15.64 -11.35
C VAL D 118 4.62 16.19 -12.20
N ASN D 119 4.42 16.93 -13.32
CA ASN D 119 5.58 17.45 -14.11
C ASN D 119 6.41 16.29 -14.65
N ASN D 120 5.71 15.17 -14.70
CA ASN D 120 6.23 13.92 -15.21
C ASN D 120 7.26 13.21 -14.31
N LYS D 121 6.96 13.01 -13.00
CA LYS D 121 7.89 12.25 -12.12
C LYS D 121 7.10 11.59 -10.93
N LYS D 122 7.56 10.38 -10.45
CA LYS D 122 6.89 9.74 -9.27
C LYS D 122 7.10 10.64 -8.12
N THR D 123 6.03 10.95 -7.44
CA THR D 123 6.20 11.88 -6.34
C THR D 123 4.92 11.92 -5.47
N ILE D 124 5.01 12.57 -4.33
CA ILE D 124 3.86 12.73 -3.45
C ILE D 124 3.34 14.17 -3.57
N PRO D 125 2.24 14.36 -4.31
CA PRO D 125 1.59 15.66 -4.55
C PRO D 125 1.11 16.31 -3.28
N ASN D 126 1.26 17.62 -3.19
CA ASN D 126 0.68 18.31 -2.04
C ASN D 126 -0.78 18.03 -2.31
N ASN D 127 -1.60 17.86 -1.28
CA ASN D 127 -3.03 17.61 -1.53
C ASN D 127 -3.51 16.20 -1.91
N LEU D 128 -2.60 15.23 -1.97
CA LEU D 128 -3.00 13.85 -2.25
C LEU D 128 -3.87 13.42 -1.10
N VAL D 129 -3.41 13.77 0.09
CA VAL D 129 -4.13 13.44 1.31
C VAL D 129 -5.51 14.05 1.29
N GLU D 130 -5.53 15.37 1.16
CA GLU D 130 -6.77 16.14 1.12
C GLU D 130 -7.83 15.59 0.16
N ASN D 131 -7.45 15.43 -1.11
CA ASN D 131 -8.39 14.99 -2.12
C ASN D 131 -8.59 13.51 -2.38
N TYR D 132 -7.70 12.64 -1.89
CA TYR D 132 -7.91 11.22 -2.18
C TYR D 132 -7.80 10.20 -1.05
N LEU D 133 -6.98 10.50 -0.04
CA LEU D 133 -6.80 9.57 1.06
C LEU D 133 -8.01 9.39 1.97
N THR D 134 -8.69 8.26 1.81
CA THR D 134 -9.87 7.95 2.61
C THR D 134 -9.45 7.10 3.81
N PRO D 135 -10.36 6.92 4.78
CA PRO D 135 -10.01 6.11 5.95
C PRO D 135 -9.49 4.73 5.56
N MET D 136 -10.04 4.17 4.49
CA MET D 136 -9.60 2.88 4.00
C MET D 136 -8.13 3.02 3.59
N SER D 137 -7.84 4.05 2.80
CA SER D 137 -6.47 4.35 2.35
C SER D 137 -5.55 4.36 3.56
N LEU D 138 -5.97 5.06 4.61
CA LEU D 138 -5.17 5.18 5.82
C LEU D 138 -4.93 3.83 6.50
N ALA D 139 -5.95 2.97 6.49
CA ALA D 139 -5.82 1.66 7.12
C ALA D 139 -4.70 0.86 6.44
N TYR D 140 -4.72 0.83 5.12
CA TYR D 140 -3.69 0.09 4.40
C TYR D 140 -2.32 0.70 4.54
N TRP D 141 -2.26 2.03 4.58
CA TRP D 141 -0.99 2.72 4.75
C TRP D 141 -0.44 2.27 6.11
N PHE D 142 -1.32 2.24 7.11
CA PHE D 142 -0.91 1.79 8.44
C PHE D 142 -0.47 0.31 8.47
N MET D 143 -1.31 -0.59 7.96
CA MET D 143 -0.94 -2.01 7.98
C MET D 143 0.40 -2.21 7.27
N ASP D 144 0.65 -1.40 6.25
CA ASP D 144 1.90 -1.47 5.51
C ASP D 144 3.09 -0.88 6.23
N ASP D 145 3.12 0.45 6.38
CA ASP D 145 4.24 1.13 7.02
C ASP D 145 4.03 1.62 8.44
N GLY D 146 2.85 1.41 8.99
CA GLY D 146 2.58 1.88 10.34
C GLY D 146 3.25 1.07 11.45
N GLY D 147 3.35 1.69 12.63
CA GLY D 147 3.95 1.01 13.78
C GLY D 147 3.79 1.84 15.04
N LYS D 148 4.34 1.35 16.15
CA LYS D 148 4.25 2.07 17.41
C LYS D 148 5.48 2.96 17.56
N TRP D 149 5.37 3.96 18.43
CA TRP D 149 6.47 4.87 18.68
C TRP D 149 7.37 4.23 19.73
N ASP D 150 6.72 3.71 20.78
CA ASP D 150 7.42 3.09 21.90
C ASP D 150 7.14 1.60 21.92
N TYR D 151 8.17 0.79 21.68
CA TYR D 151 7.99 -0.66 21.69
C TYR D 151 8.29 -1.30 23.04
N ASN D 152 8.74 -0.49 23.99
CA ASN D 152 9.06 -1.00 25.33
C ASN D 152 7.82 -1.68 25.91
N LYS D 153 8.01 -2.85 26.51
CA LYS D 153 6.88 -3.57 27.10
C LYS D 153 6.25 -2.76 28.22
N ASN D 154 4.98 -3.04 28.49
CA ASN D 154 4.22 -2.36 29.53
C ASN D 154 4.01 -0.87 29.24
N SER D 155 4.83 -0.29 28.36
CA SER D 155 4.69 1.13 28.02
C SER D 155 3.24 1.52 27.81
N THR D 156 2.91 2.78 28.08
CA THR D 156 1.55 3.26 27.91
C THR D 156 1.43 4.41 26.91
N ASN D 157 2.45 4.57 26.07
CA ASN D 157 2.46 5.62 25.05
C ASN D 157 1.60 5.11 23.87
N LYS D 158 0.58 5.86 23.51
CA LYS D 158 -0.30 5.45 22.40
C LYS D 158 0.15 6.04 21.07
N SER D 159 1.25 6.79 21.07
CA SER D 159 1.74 7.44 19.85
C SER D 159 1.97 6.44 18.74
N ILE D 160 1.70 6.88 17.51
CA ILE D 160 1.85 6.06 16.32
C ILE D 160 2.85 6.65 15.35
N VAL D 161 3.39 5.77 14.50
CA VAL D 161 4.34 6.15 13.48
C VAL D 161 4.05 5.52 12.13
N LEU D 162 4.30 6.28 11.08
CA LEU D 162 4.17 5.82 9.72
C LEU D 162 5.60 5.98 9.22
N ASN D 163 6.18 4.86 8.76
CA ASN D 163 7.55 4.85 8.27
C ASN D 163 7.59 5.30 6.82
N THR D 164 7.82 6.60 6.63
CA THR D 164 7.87 7.26 5.33
C THR D 164 9.31 7.61 4.94
N GLN D 165 10.27 6.84 5.45
CA GLN D 165 11.68 7.11 5.21
C GLN D 165 12.14 7.17 3.76
N SER D 166 11.34 6.73 2.80
CA SER D 166 11.78 6.81 1.41
C SER D 166 11.31 8.09 0.70
N PHE D 167 10.43 8.86 1.36
CA PHE D 167 9.92 10.10 0.79
C PHE D 167 10.78 11.29 1.22
N THR D 168 10.70 12.39 0.48
CA THR D 168 11.47 13.57 0.82
C THR D 168 10.82 14.23 2.02
N PHE D 169 11.58 15.02 2.77
CA PHE D 169 11.02 15.71 3.92
C PHE D 169 9.88 16.61 3.48
N GLU D 170 10.02 17.23 2.32
CA GLU D 170 8.95 18.09 1.84
C GLU D 170 7.72 17.25 1.52
N GLU D 171 7.96 16.08 0.94
CA GLU D 171 6.84 15.20 0.63
C GLU D 171 6.13 14.82 1.91
N VAL D 172 6.89 14.37 2.91
CA VAL D 172 6.26 13.99 4.16
C VAL D 172 5.63 15.23 4.78
N GLU D 173 6.28 16.36 4.61
CA GLU D 173 5.73 17.59 5.16
C GLU D 173 4.31 17.79 4.57
N TYR D 174 4.14 17.56 3.27
CA TYR D 174 2.81 17.70 2.66
C TYR D 174 1.85 16.65 3.20
N LEU D 175 2.33 15.43 3.38
CA LEU D 175 1.49 14.37 3.92
C LEU D 175 0.95 14.74 5.30
N VAL D 176 1.82 15.30 6.14
CA VAL D 176 1.42 15.69 7.48
C VAL D 176 0.35 16.78 7.48
N LYS D 177 0.51 17.76 6.61
CA LYS D 177 -0.47 18.84 6.49
C LYS D 177 -1.85 18.27 6.21
N GLY D 178 -1.91 17.37 5.24
CA GLY D 178 -3.16 16.75 4.87
C GLY D 178 -3.77 15.90 5.97
N LEU D 179 -2.93 15.20 6.74
CA LEU D 179 -3.44 14.38 7.83
C LEU D 179 -3.98 15.30 8.94
N ARG D 180 -3.29 16.41 9.21
CA ARG D 180 -3.78 17.33 10.25
C ARG D 180 -5.08 17.98 9.80
N ASN D 181 -5.05 18.63 8.62
CA ASN D 181 -6.24 19.31 8.11
C ASN D 181 -7.44 18.38 7.88
N LYS D 182 -7.23 17.28 7.18
CA LYS D 182 -8.33 16.36 6.89
C LYS D 182 -8.85 15.49 8.03
N PHE D 183 -7.96 15.00 8.89
CA PHE D 183 -8.42 14.15 9.97
C PHE D 183 -8.15 14.66 11.38
N GLN D 184 -7.75 15.92 11.49
CA GLN D 184 -7.44 16.53 12.79
C GLN D 184 -6.53 15.64 13.64
N LEU D 185 -5.56 15.01 13.00
CA LEU D 185 -4.63 14.16 13.74
C LEU D 185 -3.47 15.02 14.24
N ASN D 186 -3.22 14.98 15.54
CA ASN D 186 -2.12 15.73 16.10
C ASN D 186 -0.87 14.96 15.70
N CYS D 187 -0.19 15.45 14.66
CA CYS D 187 1.01 14.79 14.18
C CYS D 187 2.05 15.75 13.61
N TYR D 188 3.25 15.23 13.39
CA TYR D 188 4.34 15.98 12.82
C TYR D 188 5.53 15.11 12.43
N VAL D 189 6.36 15.65 11.56
CA VAL D 189 7.54 14.97 11.05
C VAL D 189 8.61 14.86 12.14
N LYS D 190 9.31 13.72 12.14
CA LYS D 190 10.40 13.46 13.08
C LYS D 190 11.49 12.77 12.28
N ILE D 191 12.74 13.05 12.62
CA ILE D 191 13.88 12.48 11.93
C ILE D 191 14.30 11.14 12.52
N ASN D 192 14.62 10.19 11.64
CA ASN D 192 15.08 8.87 12.03
C ASN D 192 16.12 8.48 10.99
N LYS D 193 17.35 8.28 11.43
CA LYS D 193 18.41 7.89 10.50
C LYS D 193 18.48 8.93 9.38
N ASN D 194 18.41 10.19 9.79
CA ASN D 194 18.46 11.31 8.87
C ASN D 194 17.35 11.22 7.83
N LYS D 195 16.25 10.55 8.18
CA LYS D 195 15.12 10.42 7.28
C LYS D 195 13.78 10.68 7.99
N PRO D 196 12.76 11.10 7.23
CA PRO D 196 11.39 11.41 7.69
C PRO D 196 10.44 10.26 8.01
N ILE D 197 9.81 10.34 9.17
CA ILE D 197 8.78 9.40 9.58
C ILE D 197 7.69 10.30 10.13
N ILE D 198 6.45 9.85 10.09
CA ILE D 198 5.35 10.63 10.61
C ILE D 198 5.08 10.21 12.03
N TYR D 199 5.05 11.19 12.92
CA TYR D 199 4.79 10.93 14.33
C TYR D 199 3.37 11.38 14.60
N ILE D 200 2.55 10.46 15.10
CA ILE D 200 1.16 10.72 15.44
C ILE D 200 0.99 10.66 16.96
N ASP D 201 0.88 11.81 17.61
CA ASP D 201 0.72 11.84 19.06
C ASP D 201 -0.37 10.94 19.64
N SER D 202 -0.07 10.30 20.77
CA SER D 202 -1.03 9.41 21.41
C SER D 202 -2.34 10.12 21.64
N MET D 203 -2.27 11.45 21.71
CA MET D 203 -3.43 12.29 21.90
C MET D 203 -4.52 11.97 20.89
N SER D 204 -4.13 11.64 19.66
CA SER D 204 -5.11 11.34 18.61
C SER D 204 -5.29 9.86 18.31
N TYR D 205 -4.61 9.01 19.10
CA TYR D 205 -4.69 7.57 18.89
C TYR D 205 -6.10 7.04 18.63
N LEU D 206 -7.05 7.37 19.49
CA LEU D 206 -8.40 6.87 19.33
C LEU D 206 -9.10 7.34 18.07
N ILE D 207 -8.79 8.56 17.63
CA ILE D 207 -9.39 9.06 16.40
C ILE D 207 -8.78 8.25 15.26
N PHE D 208 -7.46 8.15 15.27
CA PHE D 208 -6.74 7.40 14.25
C PHE D 208 -7.31 5.99 14.20
N TYR D 209 -7.36 5.35 15.37
CA TYR D 209 -7.87 3.99 15.49
C TYR D 209 -9.28 3.80 14.97
N ASN D 210 -10.16 4.74 15.29
CA ASN D 210 -11.53 4.62 14.83
C ASN D 210 -11.66 4.80 13.32
N LEU D 211 -10.67 5.45 12.72
CA LEU D 211 -10.68 5.66 11.28
C LEU D 211 -10.33 4.37 10.53
N ILE D 212 -9.28 3.69 10.98
CA ILE D 212 -8.84 2.47 10.31
C ILE D 212 -9.41 1.14 10.83
N LYS D 213 -9.96 1.17 12.04
CA LYS D 213 -10.53 -0.01 12.68
C LYS D 213 -11.33 -0.92 11.73
N PRO D 214 -12.28 -0.36 10.98
CA PRO D 214 -13.12 -1.11 10.04
C PRO D 214 -12.37 -1.91 8.99
N TYR D 215 -11.13 -1.51 8.69
CA TYR D 215 -10.40 -2.18 7.62
C TYR D 215 -9.24 -3.05 7.99
N LEU D 216 -8.77 -3.02 9.24
CA LEU D 216 -7.63 -3.87 9.54
C LEU D 216 -8.01 -5.29 9.84
N ILE D 217 -7.10 -6.20 9.51
CA ILE D 217 -7.32 -7.63 9.72
C ILE D 217 -6.66 -8.05 11.01
N PRO D 218 -7.19 -9.13 11.62
CA PRO D 218 -6.71 -9.70 12.87
C PRO D 218 -5.17 -9.78 12.97
N GLN D 219 -4.54 -10.31 11.93
CA GLN D 219 -3.08 -10.47 11.91
C GLN D 219 -2.24 -9.20 11.84
N MET D 220 -2.88 -8.03 11.82
CA MET D 220 -2.11 -6.80 11.74
C MET D 220 -2.32 -6.00 13.05
N MET D 221 -3.28 -6.47 13.84
CA MET D 221 -3.65 -5.85 15.10
C MET D 221 -2.50 -5.63 16.09
N TYR D 222 -1.39 -6.34 15.88
CA TYR D 222 -0.23 -6.24 16.76
C TYR D 222 0.56 -4.95 16.59
N LYS D 223 0.42 -4.30 15.44
CA LYS D 223 1.13 -3.05 15.20
C LYS D 223 0.57 -1.93 16.08
N LEU D 224 -0.67 -2.08 16.50
CA LEU D 224 -1.35 -1.09 17.33
C LEU D 224 -0.84 -1.10 18.76
N PRO D 225 -0.77 0.08 19.40
CA PRO D 225 -0.29 0.13 20.78
C PRO D 225 -1.24 -0.62 21.68
CA CA E . 12.42 -0.19 1.25
CA CA F . 5.09 -3.62 6.01
NA NA G . 7.40 -0.96 4.49
CA CA H . 7.00 2.15 2.17
#